data_3P1A
#
_entry.id   3P1A
#
_cell.length_a   45.400
_cell.length_b   56.300
_cell.length_c   114.660
_cell.angle_alpha   90.00
_cell.angle_beta   90.00
_cell.angle_gamma   90.00
#
_symmetry.space_group_name_H-M   'P 21 21 21'
#
loop_
_entity.id
_entity.type
_entity.pdbx_description
1 polymer 'Membrane-associated tyrosine- and threonine-specific cdc2-inhibitory kinase'
2 non-polymer 1,2-ETHANEDIOL
3 non-polymer 'DIMETHYL SULFOXIDE'
4 water water
#
_entity_poly.entity_id   1
_entity_poly.type   'polypeptide(L)'
_entity_poly.pdbx_seq_one_letter_code
;MHHHHHHSSGVDLGTENLYFQSMHQLQPRRVSFRGEASETLQSPGYDPSRPESFFQQSFQRLSRLGHGSYGEVFKVRSKE
DGRLYAVKRSMSPFRGPKDRARKLAEVGSHEKVGQHPCCVRLEQAWEEGGILYLQTELCGPSLQQHCEAWGASLPEAQVW
GYLRDTLLALAHLHSQGLVHLDVKPANIFLGPRGRCKLGDFGLLVELGTAGAGEVQEGDPRYMAPELLQGSYGTAADVFS
LGLTILEVACNMELPHGGEGWQQLRQGYLPPEFTAGLSSELRSVLVMMLEPDPKLRATAEALLALPVLRQP
;
_entity_poly.pdbx_strand_id   A
#
# COMPACT_ATOMS: atom_id res chain seq x y z
N GLN A 25 11.76 17.33 25.62
CA GLN A 25 10.65 17.57 24.67
C GLN A 25 10.89 16.84 23.34
N LEU A 26 10.69 17.53 22.21
CA LEU A 26 10.70 16.90 20.88
C LEU A 26 11.99 17.11 20.07
N GLN A 27 13.08 16.46 20.51
CA GLN A 27 14.37 16.54 19.79
C GLN A 27 14.52 15.43 18.73
N PRO A 28 15.24 15.73 17.64
CA PRO A 28 15.31 14.83 16.49
C PRO A 28 15.86 13.44 16.86
N ARG A 29 15.11 12.40 16.51
CA ARG A 29 15.40 11.06 16.95
C ARG A 29 14.96 10.07 15.87
N ARG A 30 15.81 9.08 15.60
CA ARG A 30 15.44 7.95 14.74
C ARG A 30 14.34 7.14 15.39
N VAL A 31 13.46 6.59 14.56
CA VAL A 31 12.35 5.72 14.99
C VAL A 31 12.59 4.33 14.40
N SER A 32 12.72 3.34 15.27
CA SER A 32 12.97 1.97 14.84
C SER A 32 12.58 1.09 16.01
N PHE A 33 11.76 0.07 15.78
CA PHE A 33 11.35 -0.87 16.84
C PHE A 33 12.26 -2.07 16.97
N ARG A 34 13.04 -2.32 15.93
CA ARG A 34 14.08 -3.33 16.00
C ARG A 34 15.40 -2.69 16.46
N GLY A 35 15.34 -1.38 16.77
CA GLY A 35 16.33 -0.67 17.58
C GLY A 35 17.79 -0.92 17.27
N GLU A 36 18.07 -1.14 15.99
CA GLU A 36 19.40 -1.48 15.51
C GLU A 36 20.29 -0.25 15.46
N ALA A 37 19.89 0.72 14.63
CA ALA A 37 20.67 1.92 14.40
C ALA A 37 20.71 2.83 15.64
N SER A 38 21.66 3.76 15.64
CA SER A 38 21.76 4.80 16.67
C SER A 38 20.56 5.75 16.59
N GLU A 39 20.03 6.18 17.74
CA GLU A 39 18.97 7.18 17.77
C GLU A 39 19.33 8.56 17.21
N THR A 40 20.63 8.87 17.19
CA THR A 40 21.17 10.14 16.75
CA THR A 40 21.07 10.19 16.75
C THR A 40 21.18 10.25 15.23
N LEU A 41 20.63 11.34 14.68
CA LEU A 41 20.65 11.56 13.27
C LEU A 41 21.93 12.29 12.84
N GLN A 42 22.52 11.83 11.74
CA GLN A 42 23.65 12.49 11.09
C GLN A 42 23.51 12.47 9.57
N SER A 43 24.04 13.49 8.88
CA SER A 43 24.09 13.48 7.43
C SER A 43 25.06 14.57 6.94
N PRO A 44 25.70 14.34 5.81
CA PRO A 44 26.24 15.47 5.10
C PRO A 44 25.16 16.57 4.91
N GLY A 45 25.54 17.83 5.10
CA GLY A 45 24.59 18.94 5.01
C GLY A 45 23.86 19.32 6.31
N TYR A 46 23.97 18.48 7.35
CA TYR A 46 23.22 18.67 8.60
C TYR A 46 24.12 19.07 9.77
N ASP A 47 23.75 20.16 10.42
CA ASP A 47 24.40 20.57 11.69
C ASP A 47 23.27 20.88 12.66
N PRO A 48 23.15 20.12 13.78
CA PRO A 48 22.03 20.32 14.70
C PRO A 48 22.02 21.64 15.41
N SER A 49 23.14 22.36 15.38
CA SER A 49 23.20 23.73 15.93
C SER A 49 22.54 24.82 15.07
N ARG A 50 22.25 24.53 13.79
CA ARG A 50 21.48 25.45 12.93
C ARG A 50 19.99 25.17 13.12
N PRO A 51 19.11 26.18 12.92
CA PRO A 51 17.72 26.00 13.35
C PRO A 51 16.81 25.15 12.41
N GLU A 52 17.29 24.89 11.21
CA GLU A 52 16.52 24.15 10.20
C GLU A 52 16.39 22.70 10.63
N SER A 53 15.28 22.08 10.21
CA SER A 53 15.05 20.69 10.54
C SER A 53 16.02 19.72 9.86
N PHE A 54 16.15 18.50 10.40
CA PHE A 54 16.93 17.46 9.75
C PHE A 54 16.46 17.25 8.30
N PHE A 55 15.14 17.24 8.09
CA PHE A 55 14.60 17.11 6.74
C PHE A 55 15.03 18.28 5.82
N GLN A 56 14.94 19.52 6.32
CA GLN A 56 15.37 20.67 5.52
C GLN A 56 16.84 20.56 5.07
N GLN A 57 17.67 20.23 6.04
CA GLN A 57 19.12 20.24 5.88
C GLN A 57 19.70 19.04 5.13
N SER A 58 19.02 17.90 5.18
CA SER A 58 19.63 16.64 4.71
C SER A 58 19.15 16.13 3.36
N PHE A 59 18.16 16.82 2.76
CA PHE A 59 17.58 16.42 1.49
C PHE A 59 17.33 17.62 0.59
N GLN A 60 17.46 17.39 -0.69
CA GLN A 60 16.99 18.32 -1.72
C GLN A 60 15.60 17.88 -2.16
N ARG A 61 14.62 18.76 -1.99
CA ARG A 61 13.26 18.49 -2.47
C ARG A 61 13.12 18.81 -3.96
N LEU A 62 12.54 17.88 -4.72
CA LEU A 62 12.39 18.01 -6.18
C LEU A 62 10.95 18.30 -6.59
N SER A 63 9.97 17.65 -5.94
CA SER A 63 8.56 17.86 -6.18
C SER A 63 7.71 17.23 -5.11
N ARG A 64 6.46 17.69 -5.01
CA ARG A 64 5.49 17.05 -4.14
C ARG A 64 4.73 15.96 -4.93
N LEU A 65 4.91 14.71 -4.52
CA LEU A 65 4.26 13.54 -5.19
C LEU A 65 2.78 13.41 -4.82
N GLY A 66 2.44 13.79 -3.60
CA GLY A 66 1.06 13.75 -3.15
C GLY A 66 0.82 14.45 -1.83
N HIS A 67 -0.46 14.61 -1.52
CA HIS A 67 -0.84 15.21 -0.24
C HIS A 67 -2.23 14.81 0.13
N GLY A 68 -2.52 14.94 1.43
CA GLY A 68 -3.86 14.64 1.92
C GLY A 68 -3.92 15.02 3.39
N SER A 69 -4.98 14.56 4.06
CA SER A 69 -5.15 14.86 5.49
CA SER A 69 -5.16 14.85 5.49
C SER A 69 -3.98 14.39 6.35
N TYR A 70 -3.30 13.32 5.92
CA TYR A 70 -2.12 12.73 6.58
C TYR A 70 -0.90 13.63 6.57
N GLY A 71 -0.80 14.51 5.58
CA GLY A 71 0.45 15.26 5.37
C GLY A 71 0.80 15.30 3.90
N GLU A 72 2.08 15.14 3.60
CA GLU A 72 2.58 15.28 2.24
C GLU A 72 3.65 14.24 1.93
N VAL A 73 3.78 13.89 0.65
CA VAL A 73 4.87 13.02 0.20
C VAL A 73 5.74 13.76 -0.82
N PHE A 74 7.04 13.83 -0.59
CA PHE A 74 7.99 14.51 -1.50
C PHE A 74 8.90 13.52 -2.22
N LYS A 75 9.19 13.80 -3.51
CA LYS A 75 10.34 13.23 -4.21
C LYS A 75 11.58 14.04 -3.81
N VAL A 76 12.61 13.37 -3.30
CA VAL A 76 13.83 14.00 -2.77
C VAL A 76 15.10 13.34 -3.30
N ARG A 77 16.21 14.10 -3.24
CA ARG A 77 17.53 13.53 -3.40
C ARG A 77 18.20 13.58 -2.04
N SER A 78 18.77 12.45 -1.62
CA SER A 78 19.45 12.38 -0.34
C SER A 78 20.86 13.00 -0.40
N LYS A 79 21.22 13.80 0.58
CA LYS A 79 22.59 14.37 0.67
C LYS A 79 23.62 13.32 1.14
N GLU A 80 23.13 12.25 1.79
CA GLU A 80 23.99 11.19 2.30
C GLU A 80 24.60 10.37 1.16
N ASP A 81 23.77 10.00 0.20
CA ASP A 81 24.18 9.10 -0.89
C ASP A 81 23.93 9.61 -2.33
N GLY A 82 23.31 10.79 -2.47
CA GLY A 82 22.99 11.32 -3.79
C GLY A 82 21.91 10.58 -4.57
N ARG A 83 21.17 9.69 -3.91
CA ARG A 83 20.14 8.92 -4.58
CA ARG A 83 20.13 8.90 -4.57
C ARG A 83 18.73 9.48 -4.27
N LEU A 84 17.76 9.05 -5.07
CA LEU A 84 16.35 9.48 -4.99
C LEU A 84 15.52 8.57 -4.07
N TYR A 85 14.60 9.19 -3.32
CA TYR A 85 13.72 8.56 -2.33
C TYR A 85 12.41 9.33 -2.32
N ALA A 86 11.42 8.76 -1.66
CA ALA A 86 10.19 9.46 -1.28
C ALA A 86 10.21 9.69 0.21
N VAL A 87 9.83 10.88 0.65
CA VAL A 87 9.71 11.15 2.09
C VAL A 87 8.33 11.61 2.42
N LYS A 88 7.66 10.86 3.30
CA LYS A 88 6.31 11.23 3.75
C LYS A 88 6.42 11.92 5.11
N ARG A 89 5.83 13.10 5.24
CA ARG A 89 5.86 13.82 6.50
CA ARG A 89 5.85 13.84 6.50
C ARG A 89 4.44 14.09 6.99
N SER A 90 4.22 13.90 8.28
CA SER A 90 2.90 14.17 8.83
C SER A 90 2.53 15.67 8.79
N MET A 91 1.23 15.98 8.86
CA MET A 91 0.73 17.34 8.65
CA MET A 91 0.79 17.35 8.63
C MET A 91 1.09 18.31 9.78
N SER A 92 0.89 17.88 11.00
CA SER A 92 0.95 18.78 12.15
C SER A 92 1.50 17.97 13.35
N PRO A 93 1.98 18.66 14.40
CA PRO A 93 2.53 17.94 15.53
C PRO A 93 1.51 16.98 16.14
N PHE A 94 2.03 15.91 16.71
CA PHE A 94 1.23 14.90 17.40
C PHE A 94 0.18 15.53 18.32
N ARG A 95 -1.03 14.99 18.23
CA ARG A 95 -2.15 15.47 19.06
C ARG A 95 -1.96 15.10 20.52
N GLY A 96 -1.21 14.03 20.77
CA GLY A 96 -1.00 13.49 22.10
C GLY A 96 -0.42 12.09 21.96
N PRO A 97 -0.44 11.32 23.04
CA PRO A 97 0.25 10.02 23.01
C PRO A 97 -0.37 8.91 22.15
N LYS A 98 -1.69 8.86 22.06
CA LYS A 98 -2.35 7.84 21.28
C LYS A 98 -2.15 8.13 19.78
N ASP A 99 -2.20 9.40 19.41
CA ASP A 99 -1.92 9.84 18.02
C ASP A 99 -0.49 9.48 17.66
N ARG A 100 0.44 9.79 18.56
CA ARG A 100 1.87 9.51 18.34
C ARG A 100 2.05 7.98 18.12
N ALA A 101 1.45 7.20 19.01
CA ALA A 101 1.54 5.74 18.92
C ALA A 101 0.99 5.14 17.62
N ARG A 102 -0.19 5.62 17.19
CA ARG A 102 -0.83 5.23 15.92
C ARG A 102 0.05 5.55 14.68
N LYS A 103 0.64 6.74 14.68
CA LYS A 103 1.53 7.14 13.58
C LYS A 103 2.84 6.33 13.59
N LEU A 104 3.48 6.19 14.75
CA LEU A 104 4.74 5.41 14.83
C LEU A 104 4.51 3.93 14.46
N ALA A 105 3.28 3.45 14.67
CA ALA A 105 2.96 2.05 14.31
C ALA A 105 3.18 1.72 12.83
N GLU A 106 3.05 2.68 11.92
CA GLU A 106 3.36 2.45 10.53
C GLU A 106 4.82 1.96 10.36
N VAL A 107 5.73 2.55 11.11
CA VAL A 107 7.13 2.15 11.09
C VAL A 107 7.27 0.73 11.61
N GLY A 108 6.63 0.45 12.74
CA GLY A 108 6.66 -0.92 13.26
C GLY A 108 6.11 -1.94 12.28
N SER A 109 5.02 -1.59 11.61
CA SER A 109 4.38 -2.48 10.64
C SER A 109 5.32 -2.74 9.47
N HIS A 110 5.97 -1.68 8.98
CA HIS A 110 6.96 -1.83 7.92
C HIS A 110 8.06 -2.78 8.30
N GLU A 111 8.56 -2.64 9.55
CA GLU A 111 9.60 -3.51 10.05
C GLU A 111 9.16 -4.98 10.19
N LYS A 112 7.89 -5.21 10.59
CA LYS A 112 7.33 -6.57 10.69
C LYS A 112 7.27 -7.24 9.34
N VAL A 113 6.88 -6.48 8.32
CA VAL A 113 6.81 -7.00 6.97
C VAL A 113 8.20 -7.49 6.55
N GLY A 114 9.22 -6.64 6.68
CA GLY A 114 10.58 -6.99 6.30
C GLY A 114 10.77 -6.85 4.80
N GLN A 115 12.01 -6.93 4.34
CA GLN A 115 12.38 -6.66 2.94
C GLN A 115 11.79 -7.72 2.04
N HIS A 116 11.23 -7.31 0.90
CA HIS A 116 10.70 -8.25 -0.08
C HIS A 116 10.60 -7.49 -1.41
N PRO A 117 10.90 -8.16 -2.54
CA PRO A 117 10.96 -7.46 -3.82
C PRO A 117 9.64 -6.84 -4.30
N CYS A 118 8.52 -7.36 -3.81
CA CYS A 118 7.19 -6.81 -4.15
C CYS A 118 6.55 -5.93 -3.07
N CYS A 119 7.36 -5.50 -2.10
CA CYS A 119 6.93 -4.60 -1.01
C CYS A 119 7.82 -3.34 -1.02
N VAL A 120 7.19 -2.19 -0.87
CA VAL A 120 7.92 -0.90 -0.77
C VAL A 120 8.86 -0.95 0.45
N ARG A 121 10.15 -0.70 0.20
CA ARG A 121 11.16 -0.71 1.26
C ARG A 121 11.25 0.59 2.04
N LEU A 122 11.26 0.46 3.38
CA LEU A 122 11.55 1.61 4.28
C LEU A 122 13.06 1.76 4.46
N GLU A 123 13.62 2.91 4.08
CA GLU A 123 15.07 3.17 4.28
C GLU A 123 15.35 3.67 5.71
N GLN A 124 14.58 4.64 6.18
CA GLN A 124 14.66 5.14 7.56
C GLN A 124 13.47 5.98 7.98
N ALA A 125 13.32 6.16 9.28
CA ALA A 125 12.23 6.95 9.84
C ALA A 125 12.78 7.75 11.01
N TRP A 126 12.24 8.95 11.23
CA TRP A 126 12.62 9.78 12.36
C TRP A 126 11.48 10.70 12.76
N GLU A 127 11.56 11.20 14.00
CA GLU A 127 10.68 12.23 14.45
C GLU A 127 11.43 13.51 14.88
N GLU A 128 10.80 14.65 14.65
CA GLU A 128 11.36 15.97 15.07
C GLU A 128 10.23 16.98 15.22
N GLY A 129 10.19 17.71 16.33
CA GLY A 129 9.16 18.74 16.51
C GLY A 129 7.72 18.22 16.46
N GLY A 130 7.54 16.96 16.84
CA GLY A 130 6.22 16.32 16.79
C GLY A 130 5.75 15.86 15.43
N ILE A 131 6.66 15.93 14.43
CA ILE A 131 6.36 15.47 13.06
C ILE A 131 7.05 14.13 12.80
N LEU A 132 6.36 13.18 12.18
CA LEU A 132 6.93 11.90 11.74
C LEU A 132 7.30 11.92 10.25
N TYR A 133 8.51 11.41 9.95
CA TYR A 133 9.03 11.32 8.58
C TYR A 133 9.36 9.89 8.22
N LEU A 134 8.84 9.41 7.10
CA LEU A 134 9.16 8.07 6.62
C LEU A 134 9.81 8.17 5.21
N GLN A 135 11.03 7.66 5.07
CA GLN A 135 11.81 7.73 3.84
C GLN A 135 11.82 6.34 3.24
N THR A 136 11.18 6.20 2.06
CA THR A 136 11.03 4.92 1.37
C THR A 136 11.78 4.99 0.03
N GLU A 137 12.08 3.84 -0.55
CA GLU A 137 12.57 3.80 -1.91
C GLU A 137 11.59 4.51 -2.83
N LEU A 138 12.11 5.24 -3.82
CA LEU A 138 11.26 5.94 -4.78
C LEU A 138 10.78 4.94 -5.83
N CYS A 139 9.46 4.82 -5.95
CA CYS A 139 8.86 3.94 -6.95
C CYS A 139 8.31 4.84 -8.05
N GLY A 140 7.71 4.21 -9.05
CA GLY A 140 6.93 4.93 -10.03
C GLY A 140 5.56 5.36 -9.55
N PRO A 141 4.71 5.77 -10.49
CA PRO A 141 3.34 6.19 -10.14
C PRO A 141 2.54 5.08 -9.45
N SER A 142 1.56 5.48 -8.65
CA SER A 142 0.61 4.51 -8.13
C SER A 142 -0.15 3.88 -9.30
N LEU A 143 -0.68 2.68 -9.07
CA LEU A 143 -1.57 2.05 -10.07
C LEU A 143 -2.77 2.94 -10.42
N GLN A 144 -3.31 3.66 -9.43
CA GLN A 144 -4.39 4.62 -9.67
CA GLN A 144 -4.38 4.61 -9.67
C GLN A 144 -3.94 5.66 -10.69
N GLN A 145 -2.78 6.24 -10.43
CA GLN A 145 -2.25 7.28 -11.34
C GLN A 145 -2.01 6.75 -12.75
N HIS A 146 -1.46 5.53 -12.85
CA HIS A 146 -1.19 4.87 -14.11
C HIS A 146 -2.47 4.67 -14.93
N CYS A 147 -3.55 4.22 -14.27
CA CYS A 147 -4.83 4.06 -14.94
C CYS A 147 -5.44 5.39 -15.36
N GLU A 148 -5.27 6.44 -14.54
CA GLU A 148 -5.72 7.80 -14.93
C GLU A 148 -5.00 8.30 -16.19
N ALA A 149 -3.68 8.05 -16.27
CA ALA A 149 -2.87 8.47 -17.41
C ALA A 149 -3.22 7.69 -18.66
N TRP A 150 -3.53 6.41 -18.50
CA TRP A 150 -3.88 5.55 -19.62
C TRP A 150 -5.23 5.97 -20.20
N GLY A 151 -6.17 6.31 -19.31
CA GLY A 151 -7.49 6.81 -19.65
C GLY A 151 -8.51 5.76 -20.10
N ALA A 152 -8.18 4.50 -19.91
CA ALA A 152 -9.00 3.39 -20.38
C ALA A 152 -8.65 2.13 -19.56
N SER A 153 -9.35 1.03 -19.81
CA SER A 153 -8.99 -0.28 -19.26
CA SER A 153 -8.99 -0.26 -19.24
C SER A 153 -7.54 -0.63 -19.59
N LEU A 154 -6.84 -1.26 -18.66
CA LEU A 154 -5.47 -1.70 -18.95
C LEU A 154 -5.48 -2.99 -19.80
N PRO A 155 -4.48 -3.15 -20.69
CA PRO A 155 -4.36 -4.43 -21.39
C PRO A 155 -4.16 -5.59 -20.42
N GLU A 156 -4.76 -6.75 -20.71
CA GLU A 156 -4.63 -7.89 -19.82
C GLU A 156 -3.19 -8.32 -19.58
N ALA A 157 -2.32 -8.20 -20.58
CA ALA A 157 -0.90 -8.50 -20.36
C ALA A 157 -0.34 -7.74 -19.14
N GLN A 158 -0.65 -6.46 -19.03
CA GLN A 158 -0.20 -5.64 -17.90
C GLN A 158 -0.86 -6.11 -16.63
N VAL A 159 -2.16 -6.33 -16.71
CA VAL A 159 -2.93 -6.77 -15.54
C VAL A 159 -2.38 -8.04 -14.89
N TRP A 160 -2.09 -9.09 -15.68
CA TRP A 160 -1.53 -10.34 -15.13
C TRP A 160 -0.25 -10.12 -14.34
N GLY A 161 0.63 -9.26 -14.83
CA GLY A 161 1.87 -8.93 -14.15
C GLY A 161 1.65 -8.28 -12.79
N TYR A 162 0.77 -7.29 -12.77
CA TYR A 162 0.48 -6.61 -11.53
C TYR A 162 -0.27 -7.48 -10.52
N LEU A 163 -1.14 -8.34 -11.01
CA LEU A 163 -1.82 -9.31 -10.14
C LEU A 163 -0.80 -10.24 -9.51
N ARG A 164 0.14 -10.77 -10.30
CA ARG A 164 1.15 -11.72 -9.78
CA ARG A 164 1.13 -11.71 -9.78
C ARG A 164 2.00 -11.04 -8.73
N ASP A 165 2.48 -9.85 -9.02
CA ASP A 165 3.36 -9.14 -8.08
C ASP A 165 2.64 -8.82 -6.75
N THR A 166 1.38 -8.38 -6.83
CA THR A 166 0.64 -8.03 -5.63
C THR A 166 0.31 -9.30 -4.83
N LEU A 167 0.02 -10.42 -5.52
CA LEU A 167 -0.15 -11.71 -4.86
C LEU A 167 1.11 -12.18 -4.12
N LEU A 168 2.27 -12.01 -4.76
CA LEU A 168 3.54 -12.33 -4.13
C LEU A 168 3.72 -11.50 -2.83
N ALA A 169 3.36 -10.22 -2.87
CA ALA A 169 3.47 -9.37 -1.67
C ALA A 169 2.51 -9.88 -0.58
N LEU A 170 1.27 -10.22 -0.97
CA LEU A 170 0.26 -10.70 0.01
C LEU A 170 0.68 -12.06 0.61
N ALA A 171 1.24 -12.95 -0.21
CA ALA A 171 1.74 -14.22 0.28
C ALA A 171 2.80 -14.00 1.37
N HIS A 172 3.68 -13.05 1.16
CA HIS A 172 4.73 -12.67 2.14
C HIS A 172 4.13 -12.16 3.45
N LEU A 173 3.17 -11.23 3.38
CA LEU A 173 2.48 -10.74 4.56
C LEU A 173 1.72 -11.85 5.30
N HIS A 174 0.99 -12.66 4.54
CA HIS A 174 0.02 -13.59 5.11
C HIS A 174 0.75 -14.75 5.80
N SER A 175 1.93 -15.06 5.28
CA SER A 175 2.77 -16.13 5.89
C SER A 175 3.31 -15.71 7.26
N GLN A 176 3.29 -14.41 7.53
CA GLN A 176 3.74 -13.84 8.78
C GLN A 176 2.55 -13.47 9.70
N GLY A 177 1.35 -13.89 9.33
CA GLY A 177 0.14 -13.58 10.08
C GLY A 177 -0.24 -12.11 10.07
N LEU A 178 0.08 -11.42 8.97
CA LEU A 178 -0.21 -9.98 8.84
C LEU A 178 -1.31 -9.76 7.80
N VAL A 179 -2.18 -8.79 8.05
CA VAL A 179 -3.24 -8.40 7.11
C VAL A 179 -3.06 -6.93 6.75
N HIS A 180 -2.95 -6.58 5.45
CA HIS A 180 -2.71 -5.16 5.04
C HIS A 180 -3.90 -4.25 5.38
N LEU A 181 -5.07 -4.77 5.10
CA LEU A 181 -6.37 -4.12 5.35
C LEU A 181 -6.74 -2.93 4.44
N ASP A 182 -5.87 -2.48 3.54
CA ASP A 182 -6.22 -1.35 2.66
C ASP A 182 -5.62 -1.51 1.25
N VAL A 183 -5.71 -2.71 0.69
CA VAL A 183 -5.25 -2.94 -0.69
C VAL A 183 -6.20 -2.20 -1.65
N LYS A 184 -5.60 -1.38 -2.52
CA LYS A 184 -6.30 -0.58 -3.52
C LYS A 184 -5.29 -0.03 -4.51
N PRO A 185 -5.77 0.41 -5.69
CA PRO A 185 -4.82 0.99 -6.66
C PRO A 185 -3.90 2.11 -6.14
N ALA A 186 -4.42 2.97 -5.26
CA ALA A 186 -3.60 4.06 -4.70
C ALA A 186 -2.40 3.61 -3.86
N ASN A 187 -2.45 2.39 -3.33
CA ASN A 187 -1.40 1.84 -2.46
C ASN A 187 -0.49 0.81 -3.13
N ILE A 188 -0.53 0.73 -4.47
CA ILE A 188 0.32 -0.16 -5.26
C ILE A 188 1.11 0.73 -6.23
N PHE A 189 2.44 0.51 -6.34
CA PHE A 189 3.34 1.41 -7.05
C PHE A 189 4.07 0.70 -8.17
N LEU A 190 4.10 1.27 -9.37
CA LEU A 190 4.78 0.64 -10.49
C LEU A 190 6.31 0.72 -10.33
N GLY A 191 6.98 -0.21 -11.01
CA GLY A 191 8.43 -0.20 -11.19
C GLY A 191 8.75 -0.53 -12.66
N PRO A 192 10.05 -0.57 -13.00
CA PRO A 192 10.38 -0.85 -14.40
C PRO A 192 9.98 -2.26 -14.85
N ARG A 193 9.83 -2.39 -16.17
CA ARG A 193 9.59 -3.66 -16.84
C ARG A 193 8.33 -4.37 -16.36
N GLY A 194 7.32 -3.57 -16.09
CA GLY A 194 6.00 -4.07 -15.80
C GLY A 194 5.79 -4.69 -14.43
N ARG A 195 6.68 -4.37 -13.49
CA ARG A 195 6.51 -4.81 -12.09
C ARG A 195 5.74 -3.81 -11.23
N CYS A 196 5.31 -4.27 -10.05
CA CYS A 196 4.76 -3.37 -9.03
C CYS A 196 5.01 -3.84 -7.60
N LYS A 197 4.84 -2.88 -6.67
CA LYS A 197 5.09 -3.14 -5.25
C LYS A 197 3.94 -2.66 -4.40
N LEU A 198 3.57 -3.43 -3.38
CA LEU A 198 2.57 -3.01 -2.40
C LEU A 198 3.19 -2.11 -1.32
N GLY A 199 2.53 -0.98 -1.01
CA GLY A 199 2.97 -0.09 0.05
C GLY A 199 1.87 0.36 1.00
N ASP A 200 2.17 1.43 1.72
CA ASP A 200 1.21 2.06 2.64
C ASP A 200 0.69 1.08 3.71
N PHE A 201 1.60 0.70 4.62
CA PHE A 201 1.34 -0.26 5.69
C PHE A 201 0.73 0.34 6.96
N GLY A 202 0.18 1.55 6.85
CA GLY A 202 -0.40 2.21 8.02
C GLY A 202 -1.56 1.56 8.75
N LEU A 203 -2.35 0.75 8.05
CA LEU A 203 -3.50 0.05 8.63
CA LEU A 203 -3.49 0.05 8.63
C LEU A 203 -3.22 -1.43 8.91
N LEU A 204 -2.01 -1.89 8.65
CA LEU A 204 -1.71 -3.31 8.81
C LEU A 204 -1.93 -3.81 10.24
N VAL A 205 -2.50 -5.00 10.35
CA VAL A 205 -2.71 -5.63 11.65
C VAL A 205 -2.06 -6.99 11.73
N GLU A 206 -1.60 -7.34 12.93
CA GLU A 206 -1.00 -8.66 13.19
C GLU A 206 -2.08 -9.48 13.87
N LEU A 207 -2.47 -10.59 13.24
CA LEU A 207 -3.52 -11.44 13.75
C LEU A 207 -3.10 -12.04 15.12
N GLY A 208 -4.00 -12.05 16.09
CA GLY A 208 -3.72 -12.62 17.42
C GLY A 208 -2.75 -11.82 18.28
N VAL A 215 -8.60 -2.90 13.61
CA VAL A 215 -8.22 -1.66 14.29
C VAL A 215 -8.87 -0.46 13.56
N GLN A 216 -8.17 0.11 12.58
CA GLN A 216 -8.75 1.14 11.72
C GLN A 216 -9.35 0.47 10.49
N GLU A 217 -10.29 1.18 9.84
CA GLU A 217 -10.97 0.67 8.63
C GLU A 217 -10.30 1.13 7.34
N GLY A 218 -10.21 0.20 6.39
CA GLY A 218 -9.75 0.50 5.02
C GLY A 218 -10.82 1.19 4.19
N ASP A 219 -10.50 1.55 2.95
CA ASP A 219 -11.45 2.27 2.06
C ASP A 219 -12.72 1.39 1.85
N PRO A 220 -13.93 1.95 2.10
CA PRO A 220 -15.13 1.08 1.98
C PRO A 220 -15.40 0.49 0.61
N ARG A 221 -14.90 1.13 -0.43
CA ARG A 221 -15.04 0.59 -1.78
C ARG A 221 -14.45 -0.80 -2.00
N TYR A 222 -13.36 -1.10 -1.29
CA TYR A 222 -12.63 -2.34 -1.44
C TYR A 222 -12.80 -3.35 -0.29
N MET A 223 -13.64 -3.06 0.70
CA MET A 223 -13.66 -3.87 1.93
CA MET A 223 -13.72 -3.85 1.95
C MET A 223 -14.34 -5.21 1.73
N ALA A 224 -13.73 -6.24 2.30
CA ALA A 224 -14.28 -7.60 2.29
C ALA A 224 -15.60 -7.68 3.04
N PRO A 225 -16.56 -8.46 2.54
CA PRO A 225 -17.88 -8.43 3.20
C PRO A 225 -17.90 -8.96 4.65
N GLU A 226 -17.02 -9.90 4.96
CA GLU A 226 -16.99 -10.50 6.32
C GLU A 226 -16.52 -9.50 7.39
N LEU A 227 -15.92 -8.40 6.96
CA LEU A 227 -15.43 -7.42 7.93
C LEU A 227 -16.61 -6.74 8.62
N LEU A 228 -17.78 -6.79 8.00
CA LEU A 228 -18.99 -6.27 8.63
C LEU A 228 -19.33 -7.01 9.92
N GLN A 229 -18.96 -8.28 10.01
CA GLN A 229 -19.21 -9.09 11.20
C GLN A 229 -17.96 -9.17 12.10
N GLY A 230 -16.96 -8.33 11.84
CA GLY A 230 -15.70 -8.34 12.59
C GLY A 230 -14.78 -9.53 12.36
N SER A 231 -14.90 -10.20 11.21
CA SER A 231 -14.13 -11.41 10.94
CA SER A 231 -14.13 -11.42 10.92
C SER A 231 -12.82 -11.10 10.19
N TYR A 232 -11.82 -10.63 10.92
CA TYR A 232 -10.53 -10.24 10.34
C TYR A 232 -9.69 -11.46 10.01
N GLY A 233 -9.14 -11.48 8.80
CA GLY A 233 -8.26 -12.56 8.42
C GLY A 233 -7.54 -12.19 7.14
N THR A 234 -6.58 -13.05 6.79
CA THR A 234 -5.80 -12.85 5.56
C THR A 234 -6.69 -12.80 4.31
N ALA A 235 -7.79 -13.57 4.30
CA ALA A 235 -8.71 -13.59 3.16
C ALA A 235 -9.27 -12.24 2.78
N ALA A 236 -9.40 -11.33 3.74
CA ALA A 236 -9.91 -10.00 3.45
C ALA A 236 -9.05 -9.29 2.37
N ASP A 237 -7.73 -9.44 2.43
CA ASP A 237 -6.84 -8.79 1.43
C ASP A 237 -7.03 -9.40 0.03
N VAL A 238 -7.30 -10.70 -0.05
CA VAL A 238 -7.54 -11.32 -1.34
C VAL A 238 -8.77 -10.70 -2.00
N PHE A 239 -9.84 -10.52 -1.22
CA PHE A 239 -11.05 -9.86 -1.73
C PHE A 239 -10.78 -8.43 -2.20
N SER A 240 -10.08 -7.65 -1.39
CA SER A 240 -9.70 -6.32 -1.76
C SER A 240 -8.88 -6.27 -3.08
N LEU A 241 -7.92 -7.19 -3.24
CA LEU A 241 -7.15 -7.25 -4.48
C LEU A 241 -8.01 -7.65 -5.67
N GLY A 242 -8.99 -8.55 -5.46
CA GLY A 242 -9.94 -8.88 -6.49
C GLY A 242 -10.67 -7.65 -7.04
N LEU A 243 -11.18 -6.80 -6.15
CA LEU A 243 -11.83 -5.58 -6.63
C LEU A 243 -10.86 -4.57 -7.27
N THR A 244 -9.65 -4.49 -6.72
CA THR A 244 -8.58 -3.68 -7.28
C THR A 244 -8.32 -4.07 -8.76
N ILE A 245 -8.16 -5.37 -8.99
CA ILE A 245 -7.93 -5.89 -10.35
C ILE A 245 -9.14 -5.71 -11.27
N LEU A 246 -10.34 -5.97 -10.77
CA LEU A 246 -11.60 -5.66 -11.47
C LEU A 246 -11.62 -4.18 -11.94
N GLU A 247 -11.35 -3.23 -11.03
CA GLU A 247 -11.36 -1.79 -11.35
C GLU A 247 -10.35 -1.47 -12.47
N VAL A 248 -9.12 -1.95 -12.33
CA VAL A 248 -8.07 -1.58 -13.33
C VAL A 248 -8.25 -2.30 -14.68
N ALA A 249 -8.70 -3.54 -14.67
CA ALA A 249 -8.88 -4.30 -15.91
C ALA A 249 -10.11 -3.83 -16.70
N CYS A 250 -11.08 -3.22 -16.03
CA CYS A 250 -12.36 -2.86 -16.64
C CYS A 250 -12.64 -1.35 -16.66
N ASN A 251 -11.71 -0.55 -16.13
CA ASN A 251 -11.89 0.91 -15.98
C ASN A 251 -13.22 1.23 -15.29
N MET A 252 -13.48 0.51 -14.20
CA MET A 252 -14.76 0.58 -13.49
C MET A 252 -14.64 1.23 -12.12
N GLU A 253 -15.41 2.30 -11.92
CA GLU A 253 -15.52 3.02 -10.67
C GLU A 253 -16.33 2.15 -9.72
N LEU A 254 -15.79 1.90 -8.52
CA LEU A 254 -16.47 1.08 -7.54
C LEU A 254 -17.37 1.87 -6.61
N PRO A 255 -18.56 1.33 -6.31
CA PRO A 255 -19.47 2.05 -5.40
C PRO A 255 -19.01 2.04 -3.94
N HIS A 256 -19.29 3.14 -3.24
CA HIS A 256 -18.97 3.19 -1.80
CA HIS A 256 -19.04 3.36 -1.81
C HIS A 256 -20.14 2.72 -0.95
N GLY A 257 -21.26 2.38 -1.58
CA GLY A 257 -22.42 1.81 -0.86
C GLY A 257 -23.60 1.52 -1.77
N GLY A 258 -24.76 1.25 -1.18
CA GLY A 258 -25.96 0.93 -1.94
C GLY A 258 -25.99 -0.44 -2.59
N GLU A 259 -26.96 -0.63 -3.49
CA GLU A 259 -27.19 -1.94 -4.14
C GLU A 259 -25.98 -2.43 -4.88
N GLY A 260 -25.28 -1.53 -5.57
CA GLY A 260 -24.08 -1.90 -6.31
C GLY A 260 -22.98 -2.47 -5.43
N TRP A 261 -22.79 -1.86 -4.26
CA TRP A 261 -21.83 -2.34 -3.25
C TRP A 261 -22.19 -3.78 -2.78
N GLN A 262 -23.46 -4.02 -2.51
CA GLN A 262 -23.94 -5.33 -2.09
C GLN A 262 -23.77 -6.35 -3.20
N GLN A 263 -24.13 -5.99 -4.43
CA GLN A 263 -24.07 -6.97 -5.55
C GLN A 263 -22.64 -7.47 -5.76
N LEU A 264 -21.67 -6.57 -5.69
CA LEU A 264 -20.26 -7.02 -5.85
C LEU A 264 -19.79 -7.97 -4.75
N ARG A 265 -20.53 -8.01 -3.63
CA ARG A 265 -20.24 -8.89 -2.50
C ARG A 265 -21.20 -10.12 -2.48
N GLN A 266 -21.92 -10.34 -3.58
CA GLN A 266 -22.84 -11.47 -3.77
C GLN A 266 -22.49 -12.23 -5.06
N GLY A 267 -21.23 -12.15 -5.48
CA GLY A 267 -20.77 -12.84 -6.66
C GLY A 267 -21.30 -12.36 -8.01
N TYR A 268 -21.74 -11.11 -8.09
CA TYR A 268 -22.23 -10.53 -9.31
C TYR A 268 -21.14 -9.73 -10.00
N LEU A 269 -21.02 -9.90 -11.31
CA LEU A 269 -20.12 -9.09 -12.17
C LEU A 269 -20.99 -8.40 -13.21
N PRO A 270 -21.01 -7.05 -13.22
CA PRO A 270 -21.86 -6.34 -14.23
C PRO A 270 -21.35 -6.52 -15.67
N PRO A 271 -22.21 -7.01 -16.57
CA PRO A 271 -21.71 -7.25 -17.94
C PRO A 271 -21.27 -6.02 -18.72
N GLU A 272 -21.84 -4.85 -18.39
CA GLU A 272 -21.47 -3.63 -19.12
C GLU A 272 -19.99 -3.28 -18.93
N PHE A 273 -19.38 -3.78 -17.86
CA PHE A 273 -17.95 -3.51 -17.60
C PHE A 273 -17.09 -4.74 -17.82
N THR A 274 -17.66 -5.93 -17.65
CA THR A 274 -16.84 -7.14 -17.56
C THR A 274 -16.92 -8.10 -18.78
N ALA A 275 -17.79 -7.81 -19.74
CA ALA A 275 -17.97 -8.66 -20.92
C ALA A 275 -16.67 -8.87 -21.72
N GLY A 276 -15.75 -7.89 -21.67
CA GLY A 276 -14.49 -7.96 -22.40
C GLY A 276 -13.33 -8.74 -21.78
N LEU A 277 -13.51 -9.25 -20.57
CA LEU A 277 -12.44 -9.98 -19.90
C LEU A 277 -12.25 -11.35 -20.54
N SER A 278 -11.02 -11.86 -20.59
CA SER A 278 -10.80 -13.25 -20.99
C SER A 278 -11.48 -14.19 -19.98
N SER A 279 -11.83 -15.38 -20.42
CA SER A 279 -12.41 -16.36 -19.47
C SER A 279 -11.43 -16.68 -18.35
N GLU A 280 -10.10 -16.69 -18.63
CA GLU A 280 -9.12 -17.04 -17.64
C GLU A 280 -9.05 -15.95 -16.55
N LEU A 281 -9.03 -14.69 -16.95
CA LEU A 281 -8.94 -13.62 -15.95
C LEU A 281 -10.25 -13.53 -15.14
N ARG A 282 -11.39 -13.72 -15.82
CA ARG A 282 -12.67 -13.72 -15.14
CA ARG A 282 -12.68 -13.73 -15.14
C ARG A 282 -12.72 -14.84 -14.09
N SER A 283 -12.22 -16.03 -14.44
CA SER A 283 -12.23 -17.16 -13.52
CA SER A 283 -12.20 -17.17 -13.52
C SER A 283 -11.42 -16.89 -12.25
N VAL A 284 -10.24 -16.28 -12.40
CA VAL A 284 -9.39 -15.91 -11.27
C VAL A 284 -10.07 -14.86 -10.39
N LEU A 285 -10.68 -13.85 -11.01
CA LEU A 285 -11.46 -12.85 -10.25
C LEU A 285 -12.64 -13.44 -9.45
N VAL A 286 -13.38 -14.40 -10.01
CA VAL A 286 -14.43 -15.09 -9.29
C VAL A 286 -13.88 -15.83 -8.06
N MET A 287 -12.71 -16.46 -8.18
CA MET A 287 -12.09 -17.11 -7.03
C MET A 287 -11.73 -16.12 -5.91
N MET A 288 -11.29 -14.92 -6.28
CA MET A 288 -10.85 -13.94 -5.31
C MET A 288 -12.02 -13.18 -4.68
N LEU A 289 -13.13 -13.08 -5.42
CA LEU A 289 -14.31 -12.29 -4.96
C LEU A 289 -15.33 -13.18 -4.26
N GLU A 290 -14.99 -14.44 -4.03
CA GLU A 290 -15.87 -15.39 -3.28
C GLU A 290 -16.36 -14.73 -1.99
N PRO A 291 -17.68 -14.60 -1.81
CA PRO A 291 -18.16 -13.93 -0.60
C PRO A 291 -17.82 -14.63 0.73
N ASP A 292 -17.80 -15.95 0.77
CA ASP A 292 -17.46 -16.67 2.01
C ASP A 292 -15.96 -16.76 2.16
N PRO A 293 -15.38 -16.12 3.21
CA PRO A 293 -13.92 -16.17 3.30
C PRO A 293 -13.32 -17.56 3.50
N LYS A 294 -14.10 -18.52 4.00
CA LYS A 294 -13.62 -19.90 4.18
C LYS A 294 -13.40 -20.61 2.85
N LEU A 295 -14.12 -20.17 1.83
CA LEU A 295 -14.06 -20.76 0.48
C LEU A 295 -13.18 -19.96 -0.50
N ARG A 296 -12.76 -18.75 -0.10
CA ARG A 296 -12.03 -17.88 -0.98
C ARG A 296 -10.61 -18.41 -1.18
N ALA A 297 -10.05 -18.25 -2.37
CA ALA A 297 -8.70 -18.67 -2.68
C ALA A 297 -7.68 -17.94 -1.83
N THR A 298 -6.61 -18.64 -1.47
CA THR A 298 -5.47 -18.05 -0.81
C THR A 298 -4.49 -17.51 -1.86
N ALA A 299 -3.63 -16.58 -1.45
CA ALA A 299 -2.64 -16.03 -2.37
C ALA A 299 -1.71 -17.13 -2.89
N GLU A 300 -1.29 -18.05 -2.00
CA GLU A 300 -0.38 -19.14 -2.41
C GLU A 300 -1.03 -20.04 -3.42
N ALA A 301 -2.32 -20.31 -3.21
CA ALA A 301 -3.05 -21.21 -4.14
C ALA A 301 -3.18 -20.61 -5.54
N LEU A 302 -3.51 -19.33 -5.59
CA LEU A 302 -3.56 -18.60 -6.85
C LEU A 302 -2.21 -18.61 -7.59
N LEU A 303 -1.10 -18.43 -6.86
CA LEU A 303 0.24 -18.32 -7.45
C LEU A 303 0.70 -19.66 -8.03
N ALA A 304 0.06 -20.75 -7.57
CA ALA A 304 0.41 -22.07 -8.08
C ALA A 304 -0.29 -22.38 -9.42
N LEU A 305 -1.32 -21.62 -9.79
CA LEU A 305 -2.02 -21.85 -11.04
C LEU A 305 -1.09 -21.57 -12.23
N PRO A 306 -1.06 -22.46 -13.26
CA PRO A 306 -0.17 -22.18 -14.41
C PRO A 306 -0.32 -20.75 -15.02
N VAL A 307 -1.52 -20.16 -15.00
CA VAL A 307 -1.69 -18.80 -15.53
C VAL A 307 -0.92 -17.73 -14.78
N LEU A 308 -0.65 -17.95 -13.49
CA LEU A 308 0.01 -16.96 -12.64
C LEU A 308 1.45 -17.32 -12.27
N ARG A 309 2.02 -18.31 -12.95
CA ARG A 309 3.39 -18.71 -12.64
C ARG A 309 4.36 -17.80 -13.39
N GLN A 310 5.62 -17.76 -12.95
CA GLN A 310 6.63 -16.87 -13.52
C GLN A 310 6.53 -16.93 -15.06
N PRO A 311 6.37 -15.77 -15.73
CA PRO A 311 6.18 -15.78 -17.18
C PRO A 311 7.43 -16.17 -17.98
#